data_1F0N
#
_entry.id   1F0N
#
_cell.length_a   73.210
_cell.length_b   73.210
_cell.length_c   92.544
_cell.angle_alpha   90.00
_cell.angle_beta   90.00
_cell.angle_gamma   120.00
#
_symmetry.space_group_name_H-M   'P 31 2 1'
#
loop_
_entity.id
_entity.type
_entity.pdbx_description
1 polymer 'ANTIGEN 85B'
2 non-polymer '2-(N-MORPHOLINO)-ETHANESULFONIC ACID'
3 non-polymer (4S)-2-METHYL-2,4-PENTANEDIOL
4 water water
#
_entity_poly.entity_id   1
_entity_poly.type   'polypeptide(L)'
_entity_poly.pdbx_seq_one_letter_code
;FSRPGLPVEYLQVPSPSMGRDIKVQFQSGGNNSPAVYLLDGLRAQDDYNGWDINTPAFEWYYQSGLSIVMPVGGQSSFYS
DWYSPACGKAGCQTYKWETFLTSELPQWLSANRAVKPTGSAAIGLSMAGSSAMILAAYHPQQFIYAGSLSALLDPSQGMG
PSLIGLAMGDAGGYKAADMWGPSSDPAWERNDPTQQIPKLVANNTRLWVYCGNGTPNELGGANIPAEFLENFVRSSNLKF
QDAYNAAGGHNAVFNFPPNGTHSWEYWGAQLNAMKGDLQSSLGAG
;
_entity_poly.pdbx_strand_id   A
#
loop_
_chem_comp.id
_chem_comp.type
_chem_comp.name
_chem_comp.formula
MES non-polymer '2-(N-MORPHOLINO)-ETHANESULFONIC ACID' 'C6 H13 N O4 S'
MPD non-polymer (4S)-2-METHYL-2,4-PENTANEDIOL 'C6 H14 O2'
#
# COMPACT_ATOMS: atom_id res chain seq x y z
N SER A 2 -0.39 -22.59 11.23
CA SER A 2 0.79 -23.33 10.78
C SER A 2 1.53 -22.57 9.72
N ARG A 3 2.86 -22.59 9.44
CA ARG A 3 3.02 -21.83 8.18
C ARG A 3 2.56 -22.77 7.05
N PRO A 4 3.08 -23.96 6.89
CA PRO A 4 2.53 -24.88 5.88
C PRO A 4 1.13 -25.30 6.32
N GLY A 5 0.21 -25.62 5.44
CA GLY A 5 -1.10 -26.05 5.88
C GLY A 5 -2.26 -25.09 5.89
N LEU A 6 -2.01 -23.81 5.59
CA LEU A 6 -3.05 -22.79 5.50
C LEU A 6 -3.66 -22.75 4.13
N PRO A 7 -4.93 -22.36 4.01
CA PRO A 7 -5.61 -22.31 2.72
C PRO A 7 -5.24 -21.04 1.94
N VAL A 8 -3.97 -21.01 1.59
CA VAL A 8 -3.42 -19.93 0.78
C VAL A 8 -3.38 -20.27 -0.68
N GLU A 9 -3.90 -19.40 -1.51
CA GLU A 9 -4.05 -19.70 -2.94
C GLU A 9 -3.13 -18.79 -3.74
N TYR A 10 -2.80 -19.31 -4.91
CA TYR A 10 -2.02 -18.46 -5.84
C TYR A 10 -2.88 -18.27 -7.06
N LEU A 11 -3.61 -17.14 -7.13
CA LEU A 11 -4.59 -16.87 -8.13
C LEU A 11 -3.99 -16.20 -9.37
N GLN A 12 -4.59 -16.50 -10.49
CA GLN A 12 -4.23 -15.85 -11.76
C GLN A 12 -5.45 -15.04 -12.12
N VAL A 13 -5.34 -13.73 -11.92
CA VAL A 13 -6.53 -12.92 -12.09
C VAL A 13 -6.33 -12.12 -13.35
N PRO A 14 -7.16 -12.35 -14.37
CA PRO A 14 -7.01 -11.57 -15.61
C PRO A 14 -7.27 -10.07 -15.47
N SER A 15 -6.41 -9.27 -16.12
CA SER A 15 -6.61 -7.81 -16.08
C SER A 15 -6.77 -7.36 -17.52
N PRO A 16 -8.00 -6.99 -17.85
CA PRO A 16 -8.23 -6.53 -19.21
C PRO A 16 -7.36 -5.30 -19.48
N SER A 17 -7.30 -4.42 -18.50
CA SER A 17 -6.62 -3.14 -18.75
C SER A 17 -5.13 -3.36 -18.87
N MET A 18 -4.50 -4.25 -18.14
CA MET A 18 -3.08 -4.50 -18.33
C MET A 18 -2.76 -5.57 -19.35
N GLY A 19 -3.73 -6.36 -19.83
CA GLY A 19 -3.41 -7.32 -20.90
C GLY A 19 -2.75 -8.60 -20.53
N ARG A 20 -2.73 -8.86 -19.21
CA ARG A 20 -2.16 -10.07 -18.69
C ARG A 20 -2.90 -10.53 -17.45
N ASP A 21 -2.43 -11.72 -17.02
CA ASP A 21 -3.01 -12.18 -15.79
C ASP A 21 -2.15 -11.65 -14.63
N ILE A 22 -2.83 -11.12 -13.63
CA ILE A 22 -2.08 -10.67 -12.47
C ILE A 22 -2.04 -11.73 -11.40
N LYS A 23 -0.90 -12.14 -10.88
CA LYS A 23 -0.90 -13.15 -9.84
C LYS A 23 -1.33 -12.52 -8.53
N VAL A 24 -2.14 -13.21 -7.72
CA VAL A 24 -2.71 -12.69 -6.48
C VAL A 24 -2.66 -13.79 -5.40
N GLN A 25 -1.91 -13.59 -4.31
CA GLN A 25 -1.80 -14.52 -3.19
C GLN A 25 -2.97 -14.20 -2.29
N PHE A 26 -3.68 -15.28 -1.91
CA PHE A 26 -4.97 -15.04 -1.35
C PHE A 26 -5.30 -16.04 -0.23
N GLN A 27 -5.97 -15.56 0.79
CA GLN A 27 -6.41 -16.38 1.91
C GLN A 27 -7.78 -15.83 2.32
N SER A 28 -8.81 -16.70 2.15
CA SER A 28 -10.14 -16.26 2.54
C SER A 28 -10.33 -16.27 4.03
N GLY A 29 -11.07 -15.37 4.59
CA GLY A 29 -11.70 -14.79 5.77
C GLY A 29 -13.03 -15.51 6.05
N GLY A 30 -13.57 -16.04 5.01
CA GLY A 30 -14.80 -16.75 4.75
C GLY A 30 -15.70 -16.08 3.75
N ASN A 31 -16.83 -16.67 3.36
CA ASN A 31 -17.77 -15.94 2.49
C ASN A 31 -18.22 -14.61 3.02
N ASN A 32 -18.33 -13.59 2.17
CA ASN A 32 -18.76 -12.28 2.59
C ASN A 32 -17.81 -11.62 3.62
N SER A 33 -16.60 -12.10 3.79
CA SER A 33 -15.59 -11.51 4.65
C SER A 33 -15.04 -10.19 4.05
N PRO A 34 -14.70 -9.21 4.86
CA PRO A 34 -14.03 -8.00 4.36
C PRO A 34 -12.62 -8.36 3.88
N ALA A 35 -12.07 -7.56 2.98
CA ALA A 35 -10.76 -7.79 2.42
C ALA A 35 -9.74 -6.78 2.97
N VAL A 36 -8.56 -7.31 3.10
CA VAL A 36 -7.38 -6.52 3.50
C VAL A 36 -6.41 -6.64 2.31
N TYR A 37 -6.27 -5.52 1.57
CA TYR A 37 -5.33 -5.59 0.45
C TYR A 37 -3.93 -5.22 0.94
N LEU A 38 -2.96 -6.11 0.77
CA LEU A 38 -1.64 -5.85 1.30
C LEU A 38 -0.79 -5.47 0.12
N LEU A 39 -0.50 -4.19 0.04
CA LEU A 39 0.26 -3.68 -1.10
C LEU A 39 1.75 -3.69 -0.77
N ASP A 40 2.48 -4.05 -1.79
CA ASP A 40 3.90 -4.28 -1.77
C ASP A 40 4.68 -2.98 -1.94
N GLY A 41 5.95 -3.09 -1.59
CA GLY A 41 6.85 -1.96 -1.65
C GLY A 41 7.34 -1.63 -3.02
N LEU A 42 8.23 -0.65 -3.12
CA LEU A 42 8.78 -0.24 -4.42
C LEU A 42 9.33 -1.33 -5.32
N ARG A 43 10.09 -2.26 -4.73
CA ARG A 43 10.72 -3.30 -5.52
C ARG A 43 9.93 -4.60 -5.55
N ALA A 44 8.63 -4.41 -5.63
CA ALA A 44 7.74 -5.56 -5.77
C ALA A 44 8.21 -6.55 -6.83
N GLN A 45 8.33 -7.81 -6.41
CA GLN A 45 8.76 -8.85 -7.35
C GLN A 45 7.55 -9.41 -8.07
N ASP A 46 7.76 -10.08 -9.19
CA ASP A 46 6.69 -10.69 -10.00
C ASP A 46 6.35 -12.13 -9.57
N ASP A 47 6.99 -12.70 -8.56
CA ASP A 47 6.60 -14.04 -8.15
C ASP A 47 5.78 -14.09 -6.86
N TYR A 48 6.26 -13.43 -5.82
CA TYR A 48 5.57 -13.36 -4.55
C TYR A 48 5.59 -11.95 -3.96
N ASN A 49 4.51 -11.59 -3.29
CA ASN A 49 4.39 -10.30 -2.60
C ASN A 49 5.30 -10.27 -1.38
N GLY A 50 5.96 -9.12 -1.15
CA GLY A 50 6.87 -9.01 -0.06
C GLY A 50 6.32 -9.22 1.31
N TRP A 51 4.99 -9.02 1.45
CA TRP A 51 4.36 -9.36 2.70
C TRP A 51 4.48 -10.87 2.98
N ASP A 52 4.33 -11.67 1.93
CA ASP A 52 4.29 -13.12 2.13
C ASP A 52 5.73 -13.52 2.44
N ILE A 53 6.59 -12.92 1.64
CA ILE A 53 8.00 -13.31 1.77
C ILE A 53 8.60 -13.10 3.14
N ASN A 54 8.36 -11.90 3.64
CA ASN A 54 8.94 -11.44 4.86
C ASN A 54 8.12 -11.55 6.11
N THR A 55 6.88 -11.99 6.18
CA THR A 55 6.12 -12.03 7.40
C THR A 55 5.26 -13.30 7.31
N PRO A 56 4.76 -13.72 8.44
CA PRO A 56 3.76 -14.79 8.51
C PRO A 56 2.34 -14.26 8.50
N ALA A 57 2.02 -13.32 7.61
CA ALA A 57 0.84 -12.56 7.46
C ALA A 57 -0.40 -13.48 7.36
N PHE A 58 -0.29 -14.47 6.48
CA PHE A 58 -1.44 -15.37 6.28
C PHE A 58 -1.71 -16.13 7.57
N GLU A 59 -0.63 -16.53 8.24
CA GLU A 59 -0.67 -17.21 9.53
C GLU A 59 -1.28 -16.33 10.62
N TRP A 60 -0.86 -15.09 10.80
CA TRP A 60 -1.41 -14.15 11.71
C TRP A 60 -2.90 -13.91 11.42
N TYR A 61 -3.28 -13.93 10.14
CA TYR A 61 -4.64 -13.55 9.80
C TYR A 61 -5.58 -14.73 9.52
N TYR A 62 -5.16 -15.95 9.63
CA TYR A 62 -6.04 -17.12 9.43
C TYR A 62 -7.08 -17.09 10.53
N GLN A 63 -8.33 -17.16 10.19
CA GLN A 63 -9.43 -17.29 11.12
C GLN A 63 -9.65 -15.99 11.85
N SER A 64 -9.20 -14.89 11.26
CA SER A 64 -9.47 -13.58 11.84
C SER A 64 -10.78 -12.99 11.33
N GLY A 65 -11.40 -13.65 10.37
CA GLY A 65 -12.59 -13.09 9.74
C GLY A 65 -12.34 -12.20 8.55
N LEU A 66 -11.08 -12.08 8.16
CA LEU A 66 -10.61 -11.16 7.14
C LEU A 66 -9.83 -11.92 6.04
N SER A 67 -10.19 -11.57 4.80
CA SER A 67 -9.58 -12.08 3.61
C SER A 67 -8.29 -11.26 3.42
N ILE A 68 -7.25 -11.97 3.13
CA ILE A 68 -5.96 -11.32 2.87
C ILE A 68 -5.70 -11.42 1.37
N VAL A 69 -5.48 -10.27 0.76
CA VAL A 69 -5.27 -10.20 -0.67
C VAL A 69 -3.92 -9.55 -0.98
N MET A 70 -3.06 -10.28 -1.64
CA MET A 70 -1.75 -9.73 -1.91
C MET A 70 -1.51 -9.70 -3.39
N PRO A 71 -1.77 -8.59 -4.04
CA PRO A 71 -1.39 -8.58 -5.48
C PRO A 71 0.09 -8.81 -5.70
N VAL A 72 0.54 -9.45 -6.74
CA VAL A 72 1.94 -9.68 -7.00
C VAL A 72 2.37 -8.84 -8.19
N GLY A 73 3.56 -8.22 -8.17
CA GLY A 73 4.07 -7.46 -9.33
C GLY A 73 3.95 -5.96 -9.16
N GLY A 74 4.19 -5.23 -10.23
CA GLY A 74 4.11 -3.77 -10.14
C GLY A 74 5.29 -3.06 -9.52
N GLN A 75 6.52 -3.51 -9.66
CA GLN A 75 7.65 -2.74 -9.14
C GLN A 75 7.55 -1.31 -9.69
N SER A 76 7.76 -0.35 -8.85
CA SER A 76 7.67 1.08 -9.06
C SER A 76 6.35 1.60 -9.57
N SER A 77 5.23 0.88 -9.52
CA SER A 77 3.98 1.34 -10.08
C SER A 77 3.22 2.37 -9.29
N PHE A 78 3.54 2.45 -7.99
CA PHE A 78 2.79 3.22 -7.01
C PHE A 78 1.32 2.88 -7.06
N TYR A 79 0.91 1.74 -7.48
CA TYR A 79 -0.37 1.06 -7.67
C TYR A 79 -1.34 2.05 -8.28
N SER A 80 -0.80 2.69 -9.34
CA SER A 80 -1.48 3.73 -10.03
C SER A 80 -1.82 3.37 -11.50
N ASP A 81 -2.68 4.16 -12.11
CA ASP A 81 -2.94 4.00 -13.56
C ASP A 81 -1.96 4.96 -14.23
N TRP A 82 -1.07 4.42 -15.02
CA TRP A 82 -0.03 5.21 -15.66
C TRP A 82 -0.55 5.83 -16.97
N TYR A 83 -0.11 7.02 -17.29
CA TYR A 83 -0.42 7.69 -18.55
C TYR A 83 0.08 6.91 -19.76
N SER A 84 1.28 6.36 -19.62
CA SER A 84 1.98 5.67 -20.65
C SER A 84 2.51 4.29 -20.23
N PRO A 85 2.93 3.44 -21.16
CA PRO A 85 3.57 2.16 -20.87
C PRO A 85 4.71 2.26 -19.86
N ALA A 86 4.64 1.33 -18.91
CA ALA A 86 5.66 1.21 -17.86
C ALA A 86 6.86 0.46 -18.39
N CYS A 87 7.71 1.24 -19.05
CA CYS A 87 8.95 0.74 -19.59
C CYS A 87 10.14 0.90 -18.65
N GLY A 88 10.80 -0.23 -18.37
CA GLY A 88 11.93 -0.37 -17.51
C GLY A 88 13.08 -1.16 -18.09
N LYS A 89 14.01 -1.61 -17.23
CA LYS A 89 15.19 -2.32 -17.73
C LYS A 89 14.86 -3.50 -18.64
N ALA A 90 14.07 -4.39 -18.10
CA ALA A 90 13.69 -5.67 -18.68
C ALA A 90 12.65 -5.53 -19.77
N GLY A 91 12.07 -4.34 -19.93
CA GLY A 91 11.01 -4.29 -20.92
C GLY A 91 9.82 -3.46 -20.47
N CYS A 92 8.82 -3.44 -21.35
CA CYS A 92 7.63 -2.66 -21.13
C CYS A 92 6.47 -3.57 -20.68
N GLN A 93 5.64 -2.95 -19.86
CA GLN A 93 4.40 -3.53 -19.38
C GLN A 93 3.36 -2.44 -19.21
N THR A 94 2.09 -2.81 -19.25
CA THR A 94 1.02 -1.90 -18.95
C THR A 94 0.76 -1.85 -17.45
N TYR A 95 0.79 -0.66 -16.87
CA TYR A 95 0.46 -0.39 -15.47
C TYR A 95 -0.88 0.35 -15.39
N LYS A 96 -1.93 -0.37 -15.01
CA LYS A 96 -3.24 0.23 -14.74
C LYS A 96 -3.71 -0.35 -13.41
N TRP A 97 -2.92 -0.05 -12.38
CA TRP A 97 -3.17 -0.73 -11.11
C TRP A 97 -4.35 -0.16 -10.37
N GLU A 98 -4.65 1.11 -10.56
CA GLU A 98 -5.81 1.66 -9.88
C GLU A 98 -7.07 0.97 -10.42
N THR A 99 -7.08 0.84 -11.75
CA THR A 99 -8.25 0.20 -12.37
C THR A 99 -8.38 -1.23 -11.87
N PHE A 100 -7.29 -1.95 -11.87
CA PHE A 100 -7.35 -3.36 -11.40
C PHE A 100 -7.75 -3.48 -9.96
N LEU A 101 -7.12 -2.73 -9.06
CA LEU A 101 -7.49 -2.83 -7.65
C LEU A 101 -8.86 -2.30 -7.26
N THR A 102 -9.40 -1.39 -8.10
CA THR A 102 -10.70 -0.84 -7.74
C THR A 102 -11.85 -1.38 -8.61
N SER A 103 -11.60 -2.21 -9.61
CA SER A 103 -12.74 -2.82 -10.34
C SER A 103 -12.43 -4.25 -10.72
N GLU A 104 -11.38 -4.54 -11.51
CA GLU A 104 -11.10 -5.90 -11.97
C GLU A 104 -10.96 -6.89 -10.84
N LEU A 105 -10.09 -6.57 -9.90
CA LEU A 105 -9.86 -7.56 -8.85
C LEU A 105 -11.02 -7.72 -7.89
N PRO A 106 -11.58 -6.70 -7.28
CA PRO A 106 -12.70 -6.92 -6.37
C PRO A 106 -13.85 -7.63 -7.08
N GLN A 107 -14.06 -7.29 -8.35
CA GLN A 107 -15.14 -8.05 -9.01
C GLN A 107 -14.77 -9.50 -9.16
N TRP A 108 -13.56 -9.83 -9.57
CA TRP A 108 -13.24 -11.25 -9.68
C TRP A 108 -13.25 -11.95 -8.32
N LEU A 109 -12.79 -11.22 -7.29
CA LEU A 109 -12.76 -11.89 -5.99
C LEU A 109 -14.15 -12.12 -5.45
N SER A 110 -15.02 -11.19 -5.85
CA SER A 110 -16.41 -11.41 -5.35
C SER A 110 -17.05 -12.55 -6.15
N ALA A 111 -16.92 -12.49 -7.49
CA ALA A 111 -17.51 -13.56 -8.28
C ALA A 111 -16.94 -14.94 -8.00
N ASN A 112 -15.65 -15.10 -7.76
CA ASN A 112 -14.96 -16.38 -7.70
C ASN A 112 -14.61 -16.80 -6.29
N ARG A 113 -14.61 -15.85 -5.36
CA ARG A 113 -14.25 -16.25 -3.99
C ARG A 113 -15.18 -15.68 -2.94
N ALA A 114 -16.23 -14.97 -3.31
CA ALA A 114 -17.21 -14.48 -2.33
C ALA A 114 -16.61 -13.48 -1.37
N VAL A 115 -15.56 -12.76 -1.78
CA VAL A 115 -14.98 -11.70 -0.97
C VAL A 115 -15.84 -10.46 -1.11
N LYS A 116 -16.21 -9.88 0.01
CA LYS A 116 -16.97 -8.64 -0.05
C LYS A 116 -16.20 -7.55 -0.78
N PRO A 117 -16.77 -6.96 -1.83
CA PRO A 117 -16.08 -5.98 -2.68
C PRO A 117 -16.01 -4.59 -2.05
N THR A 118 -16.78 -4.31 -1.02
CA THR A 118 -16.76 -3.02 -0.33
C THR A 118 -16.30 -3.12 1.07
N GLY A 119 -15.91 -1.99 1.68
CA GLY A 119 -15.58 -2.05 3.08
C GLY A 119 -14.26 -2.73 3.39
N SER A 120 -13.28 -2.49 2.54
CA SER A 120 -11.97 -3.08 2.58
C SER A 120 -10.95 -2.15 3.22
N ALA A 121 -9.79 -2.73 3.57
CA ALA A 121 -8.67 -1.96 3.98
C ALA A 121 -7.59 -2.15 2.86
N ALA A 122 -6.82 -1.11 2.68
CA ALA A 122 -5.61 -1.09 1.88
C ALA A 122 -4.46 -0.68 2.82
N ILE A 123 -3.47 -1.57 2.85
CA ILE A 123 -2.26 -1.35 3.63
C ILE A 123 -1.04 -1.46 2.77
N GLY A 124 -0.27 -0.36 2.75
CA GLY A 124 0.96 -0.48 1.99
C GLY A 124 2.11 0.10 2.78
N LEU A 125 3.25 -0.34 2.33
CA LEU A 125 4.51 0.16 2.85
C LEU A 125 5.28 0.80 1.70
N SER A 126 6.18 1.71 2.09
CA SER A 126 7.08 2.28 1.09
C SER A 126 6.25 2.98 0.01
N MET A 127 6.46 2.68 -1.26
CA MET A 127 5.73 3.39 -2.31
C MET A 127 4.24 3.24 -2.08
N ALA A 128 3.88 2.04 -1.55
CA ALA A 128 2.45 1.73 -1.46
C ALA A 128 1.75 2.38 -0.30
N GLY A 129 2.44 3.02 0.65
CA GLY A 129 1.67 3.71 1.66
C GLY A 129 0.92 4.89 1.13
N SER A 130 1.52 5.67 0.22
CA SER A 130 0.69 6.77 -0.30
C SER A 130 -0.41 6.15 -1.17
N SER A 131 -0.11 5.09 -1.88
CA SER A 131 -1.13 4.45 -2.75
C SER A 131 -2.36 4.10 -1.95
N ALA A 132 -2.10 3.54 -0.75
CA ALA A 132 -3.24 3.10 0.04
C ALA A 132 -4.18 4.25 0.40
N MET A 133 -3.60 5.39 0.76
CA MET A 133 -4.42 6.53 1.11
C MET A 133 -5.12 7.09 -0.13
N ILE A 134 -4.44 7.06 -1.27
CA ILE A 134 -5.08 7.54 -2.48
C ILE A 134 -6.19 6.61 -2.93
N LEU A 135 -6.03 5.32 -2.65
CA LEU A 135 -7.13 4.43 -3.05
C LEU A 135 -8.40 4.75 -2.29
N ALA A 136 -8.20 5.06 -1.03
CA ALA A 136 -9.26 5.38 -0.13
C ALA A 136 -9.83 6.78 -0.43
N ALA A 137 -8.94 7.70 -0.76
CA ALA A 137 -9.37 9.08 -1.08
C ALA A 137 -10.37 9.14 -2.22
N TYR A 138 -10.08 8.41 -3.29
CA TYR A 138 -10.91 8.40 -4.48
C TYR A 138 -11.91 7.26 -4.54
N HIS A 139 -11.73 6.21 -3.74
CA HIS A 139 -12.66 5.08 -3.72
C HIS A 139 -13.05 4.71 -2.30
N PRO A 140 -13.69 5.64 -1.59
CA PRO A 140 -14.05 5.44 -0.19
C PRO A 140 -15.06 4.35 0.14
N GLN A 141 -15.93 3.96 -0.79
CA GLN A 141 -16.88 2.89 -0.54
C GLN A 141 -16.10 1.57 -0.43
N GLN A 142 -15.14 1.44 -1.34
CA GLN A 142 -14.33 0.22 -1.38
C GLN A 142 -13.31 0.16 -0.26
N PHE A 143 -12.58 1.26 -0.07
CA PHE A 143 -11.53 1.29 0.94
C PHE A 143 -11.94 2.25 2.06
N ILE A 144 -12.28 1.65 3.19
CA ILE A 144 -12.71 2.43 4.35
C ILE A 144 -11.62 2.56 5.40
N TYR A 145 -10.52 1.87 5.12
CA TYR A 145 -9.37 1.92 6.00
C TYR A 145 -8.12 1.98 5.13
N ALA A 146 -7.18 2.83 5.51
CA ALA A 146 -5.92 2.82 4.78
C ALA A 146 -4.72 2.83 5.76
N GLY A 147 -3.79 1.90 5.53
CA GLY A 147 -2.60 1.85 6.38
C GLY A 147 -1.44 2.33 5.52
N SER A 148 -0.60 3.19 6.09
CA SER A 148 0.56 3.67 5.40
C SER A 148 1.79 3.52 6.28
N LEU A 149 2.72 2.69 5.88
CA LEU A 149 3.92 2.35 6.61
C LEU A 149 5.13 2.87 5.88
N SER A 150 5.71 3.90 6.50
CA SER A 150 6.94 4.46 5.97
C SER A 150 6.88 5.00 4.55
N ALA A 151 5.84 5.79 4.30
CA ALA A 151 5.73 6.31 2.94
C ALA A 151 6.05 7.80 2.89
N LEU A 152 6.38 8.27 1.71
CA LEU A 152 6.51 9.70 1.44
C LEU A 152 5.09 10.25 1.17
N LEU A 153 4.57 11.05 2.07
CA LEU A 153 3.17 11.43 2.03
C LEU A 153 2.86 12.76 1.35
N ASP A 154 3.91 13.40 0.88
CA ASP A 154 3.76 14.65 0.11
C ASP A 154 4.53 14.59 -1.19
N PRO A 155 4.26 13.55 -1.99
CA PRO A 155 5.11 13.30 -3.13
C PRO A 155 5.01 14.39 -4.21
N SER A 156 4.02 15.24 -4.20
CA SER A 156 3.95 16.28 -5.24
C SER A 156 4.73 17.54 -4.90
N GLN A 157 5.16 17.69 -3.66
CA GLN A 157 5.78 18.91 -3.16
C GLN A 157 7.29 18.89 -3.16
N GLY A 158 7.88 20.03 -3.55
CA GLY A 158 9.31 20.18 -3.56
C GLY A 158 10.10 19.12 -4.32
N MET A 159 11.02 18.50 -3.60
CA MET A 159 11.93 17.53 -4.21
C MET A 159 11.28 16.15 -4.33
N GLY A 160 10.01 16.08 -3.90
CA GLY A 160 9.42 14.74 -4.05
C GLY A 160 9.30 14.22 -5.46
N PRO A 161 8.78 14.93 -6.44
CA PRO A 161 8.69 14.33 -7.80
C PRO A 161 10.04 13.83 -8.28
N SER A 162 11.03 14.64 -7.96
CA SER A 162 12.42 14.26 -8.23
C SER A 162 12.86 13.06 -7.44
N LEU A 163 12.53 12.98 -6.15
CA LEU A 163 13.04 11.77 -5.46
C LEU A 163 12.33 10.53 -5.94
N ILE A 164 11.05 10.73 -6.20
CA ILE A 164 10.30 9.55 -6.71
C ILE A 164 10.87 9.09 -8.03
N GLY A 165 11.21 10.07 -8.91
CA GLY A 165 11.86 9.52 -10.08
C GLY A 165 13.12 8.76 -9.89
N LEU A 166 13.93 9.17 -8.89
CA LEU A 166 15.18 8.45 -8.67
C LEU A 166 14.91 7.05 -8.15
N ALA A 167 13.88 6.95 -7.28
CA ALA A 167 13.57 5.62 -6.74
C ALA A 167 13.17 4.61 -7.81
N MET A 168 12.32 5.08 -8.72
CA MET A 168 11.78 4.30 -9.82
C MET A 168 12.87 3.91 -10.81
N GLY A 169 13.92 4.74 -10.82
CA GLY A 169 15.01 4.43 -11.77
C GLY A 169 15.78 3.24 -11.25
N ASP A 170 16.05 3.38 -9.98
CA ASP A 170 16.78 2.46 -9.15
C ASP A 170 16.04 1.13 -8.99
N ALA A 171 14.71 1.17 -9.02
CA ALA A 171 13.97 -0.09 -8.86
C ALA A 171 13.33 -0.47 -10.17
N GLY A 172 14.09 -1.12 -11.05
CA GLY A 172 13.52 -1.52 -12.33
C GLY A 172 13.88 -0.60 -13.48
N GLY A 173 14.45 0.58 -13.20
CA GLY A 173 14.75 1.45 -14.33
C GLY A 173 13.58 2.07 -15.02
N TYR A 174 12.49 2.37 -14.29
CA TYR A 174 11.36 3.08 -14.85
C TYR A 174 11.54 4.61 -14.79
N LYS A 175 10.65 5.34 -15.45
CA LYS A 175 10.51 6.76 -15.63
C LYS A 175 9.24 7.34 -15.02
N ALA A 176 9.38 8.22 -14.03
CA ALA A 176 8.21 8.86 -13.42
C ALA A 176 7.37 9.56 -14.47
N ALA A 177 8.05 10.07 -15.50
CA ALA A 177 7.24 10.78 -16.52
C ALA A 177 6.19 9.94 -17.24
N ASP A 178 6.45 8.64 -17.34
CA ASP A 178 5.58 7.66 -17.95
C ASP A 178 4.37 7.44 -17.04
N MET A 179 4.59 7.64 -15.74
CA MET A 179 3.53 7.44 -14.78
C MET A 179 2.57 8.59 -14.63
N TRP A 180 3.12 9.70 -14.14
CA TRP A 180 2.33 10.85 -13.82
C TRP A 180 2.70 12.09 -14.64
N GLY A 181 3.59 11.88 -15.58
CA GLY A 181 4.08 12.98 -16.36
C GLY A 181 5.10 13.83 -15.66
N PRO A 182 5.47 14.93 -16.32
CA PRO A 182 6.40 15.84 -15.67
C PRO A 182 5.78 16.36 -14.41
N SER A 183 6.53 16.84 -13.45
CA SER A 183 6.01 17.29 -12.16
C SER A 183 4.95 18.37 -12.25
N SER A 184 4.79 19.00 -13.40
CA SER A 184 3.77 20.03 -13.58
C SER A 184 2.38 19.45 -13.79
N ASP A 185 2.42 18.12 -14.04
CA ASP A 185 1.12 17.54 -14.39
C ASP A 185 0.22 17.44 -13.18
N PRO A 186 -1.07 17.66 -13.30
CA PRO A 186 -1.99 17.55 -12.17
C PRO A 186 -2.03 16.17 -11.51
N ALA A 187 -1.45 15.18 -12.16
CA ALA A 187 -1.52 13.83 -11.60
C ALA A 187 -0.68 13.76 -10.33
N TRP A 188 0.30 14.68 -10.25
CA TRP A 188 1.13 14.65 -9.02
C TRP A 188 0.29 14.99 -7.82
N GLU A 189 -0.46 16.09 -7.89
CA GLU A 189 -1.28 16.50 -6.75
C GLU A 189 -2.46 15.56 -6.54
N ARG A 190 -2.99 14.99 -7.65
CA ARG A 190 -4.04 14.01 -7.51
C ARG A 190 -3.59 12.85 -6.62
N ASN A 191 -2.33 12.42 -6.76
CA ASN A 191 -1.83 11.22 -6.09
C ASN A 191 -0.99 11.51 -4.85
N ASP A 192 -1.15 12.70 -4.30
CA ASP A 192 -0.44 13.14 -3.09
C ASP A 192 -1.43 13.04 -1.95
N PRO A 193 -1.23 12.13 -0.99
CA PRO A 193 -2.19 11.98 0.09
C PRO A 193 -2.38 13.24 0.96
N THR A 194 -1.39 14.08 1.11
CA THR A 194 -1.47 15.31 1.91
C THR A 194 -2.38 16.29 1.21
N GLN A 195 -2.27 16.44 -0.10
CA GLN A 195 -3.25 17.22 -0.85
C GLN A 195 -4.65 16.62 -0.81
N GLN A 196 -4.81 15.32 -0.57
CA GLN A 196 -6.13 14.69 -0.56
C GLN A 196 -6.68 14.58 0.84
N ILE A 197 -6.04 15.19 1.84
CA ILE A 197 -6.59 15.18 3.19
C ILE A 197 -8.07 15.51 3.30
N PRO A 198 -8.58 16.57 2.66
CA PRO A 198 -10.00 16.88 2.77
C PRO A 198 -10.88 15.72 2.36
N LYS A 199 -10.44 14.94 1.35
CA LYS A 199 -11.24 13.77 1.00
C LYS A 199 -11.14 12.72 2.11
N LEU A 200 -9.91 12.46 2.59
CA LEU A 200 -9.84 11.51 3.71
C LEU A 200 -10.66 11.83 4.93
N VAL A 201 -10.69 13.13 5.22
CA VAL A 201 -11.38 13.63 6.40
C VAL A 201 -12.90 13.52 6.21
N ALA A 202 -13.34 13.89 5.01
CA ALA A 202 -14.77 13.91 4.71
C ALA A 202 -15.39 12.53 4.69
N ASN A 203 -14.58 11.61 4.16
CA ASN A 203 -15.00 10.22 4.09
C ASN A 203 -14.77 9.51 5.42
N ASN A 204 -14.20 10.21 6.39
CA ASN A 204 -13.90 9.66 7.71
C ASN A 204 -13.16 8.32 7.54
N THR A 205 -12.21 8.33 6.60
CA THR A 205 -11.38 7.12 6.45
C THR A 205 -10.58 6.78 7.69
N ARG A 206 -10.56 5.48 8.04
CA ARG A 206 -9.77 5.06 9.20
C ARG A 206 -8.32 5.02 8.72
N LEU A 207 -7.47 5.76 9.39
CA LEU A 207 -6.08 5.75 8.94
C LEU A 207 -5.19 5.16 10.06
N TRP A 208 -4.28 4.32 9.60
CA TRP A 208 -3.16 3.82 10.40
C TRP A 208 -1.88 4.28 9.72
N VAL A 209 -1.24 5.27 10.37
CA VAL A 209 -0.05 5.88 9.78
C VAL A 209 1.15 5.62 10.71
N TYR A 210 2.14 4.97 10.18
CA TYR A 210 3.38 4.54 10.81
C TYR A 210 4.56 5.09 10.07
N CYS A 211 5.56 5.47 10.91
CA CYS A 211 6.87 5.78 10.43
C CYS A 211 7.84 5.72 11.64
N GLY A 212 8.97 5.09 11.37
CA GLY A 212 10.06 5.01 12.33
C GLY A 212 10.86 6.30 12.32
N ASN A 213 11.91 6.35 13.15
CA ASN A 213 12.67 7.61 13.19
C ASN A 213 14.05 7.47 12.61
N GLY A 214 14.34 6.24 12.21
CA GLY A 214 15.61 5.88 11.63
C GLY A 214 16.63 5.23 12.53
N THR A 215 16.29 5.03 13.78
CA THR A 215 17.12 4.38 14.81
C THR A 215 16.68 2.94 14.97
N PRO A 216 17.56 2.01 14.62
CA PRO A 216 17.17 0.62 14.73
C PRO A 216 17.22 0.23 16.21
N ASN A 217 16.55 -0.85 16.55
CA ASN A 217 16.65 -1.41 17.90
C ASN A 217 17.10 -2.85 17.71
N GLU A 218 16.84 -3.69 18.69
CA GLU A 218 17.27 -5.06 18.72
C GLU A 218 16.60 -5.81 17.58
N LEU A 219 15.49 -5.30 17.04
CA LEU A 219 14.73 -5.94 15.95
C LEU A 219 15.55 -6.03 14.67
N GLY A 220 16.54 -5.15 14.49
CA GLY A 220 17.41 -5.32 13.34
C GLY A 220 17.19 -4.16 12.35
N GLY A 221 17.49 -4.42 11.11
CA GLY A 221 17.34 -3.35 10.12
C GLY A 221 18.37 -2.27 10.38
N ALA A 222 19.50 -2.65 10.98
CA ALA A 222 20.52 -1.62 11.28
C ALA A 222 21.54 -1.48 10.16
N ASN A 223 21.08 -0.90 9.06
CA ASN A 223 21.97 -0.58 7.94
C ASN A 223 21.72 0.87 7.54
N ILE A 224 22.70 1.53 6.93
CA ILE A 224 22.60 2.91 6.59
C ILE A 224 21.46 3.26 5.64
N PRO A 225 21.26 2.49 4.60
CA PRO A 225 20.13 2.85 3.69
C PRO A 225 18.78 2.80 4.37
N ALA A 226 18.57 1.80 5.22
CA ALA A 226 17.28 1.68 5.87
C ALA A 226 17.03 2.84 6.81
N GLU A 227 18.10 3.28 7.47
CA GLU A 227 18.07 4.33 8.45
C GLU A 227 17.86 5.69 7.79
N PHE A 228 18.58 5.92 6.71
CA PHE A 228 18.49 7.22 6.00
C PHE A 228 17.13 7.34 5.33
N LEU A 229 16.68 6.21 4.83
CA LEU A 229 15.40 6.27 4.13
C LEU A 229 14.27 6.64 5.06
N GLU A 230 14.25 5.95 6.22
CA GLU A 230 13.18 6.20 7.17
C GLU A 230 13.19 7.60 7.75
N ASN A 231 14.42 8.11 8.01
CA ASN A 231 14.51 9.43 8.60
C ASN A 231 14.00 10.45 7.59
N PHE A 232 14.35 10.17 6.36
CA PHE A 232 13.93 11.00 5.27
C PHE A 232 12.41 11.09 5.15
N VAL A 233 11.72 9.95 5.06
CA VAL A 233 10.26 10.03 4.89
C VAL A 233 9.47 10.45 6.11
N ARG A 234 10.09 10.50 7.31
CA ARG A 234 9.42 10.86 8.53
C ARG A 234 8.92 12.31 8.54
N SER A 235 9.64 13.29 7.97
CA SER A 235 9.06 14.64 8.03
C SER A 235 7.69 14.74 7.33
N SER A 236 7.54 14.05 6.19
CA SER A 236 6.24 14.14 5.48
C SER A 236 5.15 13.51 6.31
N ASN A 237 5.62 12.57 7.15
CA ASN A 237 4.64 11.91 7.95
C ASN A 237 4.21 12.80 9.11
N LEU A 238 5.20 13.50 9.68
CA LEU A 238 4.78 14.37 10.77
C LEU A 238 3.96 15.54 10.24
N LYS A 239 4.25 16.00 9.04
CA LYS A 239 3.43 17.11 8.49
C LYS A 239 2.02 16.70 8.16
N PHE A 240 1.91 15.47 7.62
CA PHE A 240 0.62 14.89 7.34
C PHE A 240 -0.22 14.92 8.61
N GLN A 241 0.37 14.43 9.70
CA GLN A 241 -0.38 14.40 10.97
C GLN A 241 -0.86 15.80 11.35
N ASP A 242 0.02 16.79 11.23
CA ASP A 242 -0.38 18.17 11.58
C ASP A 242 -1.51 18.62 10.65
N ALA A 243 -1.33 18.40 9.34
CA ALA A 243 -2.38 18.85 8.41
C ALA A 243 -3.71 18.18 8.59
N TYR A 244 -3.63 16.88 8.83
CA TYR A 244 -4.84 16.12 9.09
C TYR A 244 -5.63 16.62 10.28
N ASN A 245 -4.93 16.87 11.38
CA ASN A 245 -5.63 17.34 12.55
C ASN A 245 -6.23 18.71 12.28
N ALA A 246 -5.40 19.51 11.61
CA ALA A 246 -5.85 20.89 11.36
C ALA A 246 -7.07 20.90 10.46
N ALA A 247 -7.19 19.96 9.53
CA ALA A 247 -8.33 19.87 8.67
C ALA A 247 -9.51 19.21 9.36
N GLY A 248 -9.37 18.91 10.65
CA GLY A 248 -10.49 18.25 11.32
C GLY A 248 -10.53 16.75 11.25
N GLY A 249 -9.37 16.14 11.00
CA GLY A 249 -9.28 14.70 10.96
C GLY A 249 -9.51 14.10 12.32
N HIS A 250 -10.15 12.92 12.36
CA HIS A 250 -10.39 12.31 13.68
C HIS A 250 -10.52 10.81 13.66
N ASN A 251 -9.98 10.11 12.64
CA ASN A 251 -10.10 8.66 12.69
C ASN A 251 -8.80 7.97 12.33
N ALA A 252 -7.74 8.45 12.93
CA ALA A 252 -6.43 7.94 12.57
C ALA A 252 -5.64 7.56 13.81
N VAL A 253 -4.83 6.54 13.58
CA VAL A 253 -3.77 6.19 14.51
C VAL A 253 -2.44 6.68 13.93
N PHE A 254 -1.73 7.46 14.72
CA PHE A 254 -0.40 7.94 14.31
C PHE A 254 0.64 7.23 15.19
N ASN A 255 1.48 6.42 14.61
CA ASN A 255 2.52 5.62 15.22
C ASN A 255 3.90 6.13 14.82
N PHE A 256 4.47 7.04 15.59
CA PHE A 256 5.79 7.59 15.24
C PHE A 256 6.72 7.41 16.42
N PRO A 257 7.17 6.17 16.61
CA PRO A 257 8.04 5.83 17.74
C PRO A 257 9.44 6.37 17.51
N PRO A 258 10.18 6.48 18.62
CA PRO A 258 11.57 6.87 18.63
C PRO A 258 12.51 5.78 18.17
N ASN A 259 12.03 4.90 17.28
CA ASN A 259 12.80 3.84 16.68
C ASN A 259 12.23 3.40 15.30
N GLY A 260 12.93 2.49 14.66
CA GLY A 260 12.56 1.87 13.41
C GLY A 260 13.22 2.37 12.17
N THR A 261 13.59 1.46 11.32
CA THR A 261 14.21 1.69 10.06
C THR A 261 13.34 1.15 8.93
N HIS A 262 13.76 1.47 7.72
CA HIS A 262 13.01 1.05 6.51
C HIS A 262 13.30 -0.40 6.14
N SER A 263 12.75 -1.24 7.00
CA SER A 263 12.97 -2.67 7.02
C SER A 263 11.78 -3.51 7.46
N TRP A 264 11.71 -4.73 6.96
CA TRP A 264 10.50 -5.55 7.17
C TRP A 264 10.31 -5.96 8.61
N GLU A 265 11.35 -5.90 9.45
CA GLU A 265 11.17 -6.25 10.84
C GLU A 265 10.19 -5.30 11.50
N TYR A 266 10.30 -4.02 11.10
CA TYR A 266 9.42 -3.02 11.65
C TYR A 266 8.03 -3.06 11.02
N TRP A 267 7.96 -3.34 9.72
CA TRP A 267 6.66 -3.34 9.01
C TRP A 267 5.79 -4.51 9.43
N GLY A 268 6.41 -5.66 9.51
CA GLY A 268 5.73 -6.89 9.95
C GLY A 268 5.15 -6.62 11.33
N ALA A 269 5.94 -6.04 12.26
CA ALA A 269 5.42 -5.70 13.55
C ALA A 269 4.15 -4.85 13.48
N GLN A 270 4.13 -3.88 12.55
CA GLN A 270 2.92 -3.08 12.46
C GLN A 270 1.74 -3.89 12.01
N LEU A 271 1.98 -4.68 10.98
CA LEU A 271 0.83 -5.45 10.47
C LEU A 271 0.28 -6.39 11.55
N ASN A 272 1.18 -7.01 12.30
CA ASN A 272 0.71 -7.83 13.44
C ASN A 272 -0.05 -6.99 14.42
N ALA A 273 0.45 -5.81 14.74
CA ALA A 273 -0.22 -4.96 15.74
C ALA A 273 -1.56 -4.37 15.34
N MET A 274 -1.77 -4.32 14.03
CA MET A 274 -3.03 -3.73 13.57
C MET A 274 -4.20 -4.69 13.41
N LYS A 275 -4.02 -5.99 13.57
CA LYS A 275 -5.05 -6.97 13.36
C LYS A 275 -6.33 -6.70 14.15
N GLY A 276 -6.29 -6.39 15.44
CA GLY A 276 -7.57 -6.13 16.13
C GLY A 276 -8.25 -4.84 15.72
N ASP A 277 -7.42 -3.84 15.39
CA ASP A 277 -8.00 -2.62 14.83
C ASP A 277 -8.69 -2.88 13.51
N LEU A 278 -8.10 -3.71 12.65
CA LEU A 278 -8.76 -4.00 11.38
C LEU A 278 -10.07 -4.72 11.59
N GLN A 279 -10.05 -5.65 12.55
CA GLN A 279 -11.22 -6.48 12.77
C GLN A 279 -12.38 -5.61 13.26
N SER A 280 -12.05 -4.67 14.13
CA SER A 280 -13.14 -3.80 14.62
C SER A 280 -13.64 -2.83 13.56
N SER A 281 -12.68 -2.20 12.87
CA SER A 281 -13.02 -1.23 11.83
C SER A 281 -13.73 -1.76 10.61
N LEU A 282 -13.36 -2.96 10.13
CA LEU A 282 -14.01 -3.58 8.99
C LEU A 282 -15.20 -4.48 9.31
N GLY A 283 -15.36 -4.81 10.59
CA GLY A 283 -16.40 -5.70 11.09
C GLY A 283 -16.02 -7.17 10.90
N ALA A 284 -14.82 -7.60 11.33
CA ALA A 284 -14.50 -9.03 11.21
C ALA A 284 -15.29 -9.81 12.27
N GLY A 285 -14.69 -10.82 12.91
CA GLY A 285 -15.30 -11.65 13.92
C GLY A 285 -15.06 -13.13 13.72
O1 MES B . -13.71 4.19 16.57
C2 MES B . -12.90 4.11 15.39
C3 MES B . -11.68 5.01 15.58
N4 MES B . -12.17 6.44 15.76
C5 MES B . -13.15 6.51 16.90
C6 MES B . -14.29 5.52 16.64
C7 MES B . -11.03 7.43 15.93
C8 MES B . -9.68 6.74 16.02
S MES B . -9.40 6.14 17.67
O1S MES B . -9.00 7.28 18.48
O2S MES B . -8.33 5.14 17.58
O3S MES B . -10.65 5.54 18.13
C1 MPD C . 9.72 6.26 -0.08
C2 MPD C . 10.02 5.76 -1.49
O2 MPD C . 11.20 4.95 -1.39
CM MPD C . 8.90 4.86 -1.99
C3 MPD C . 10.26 6.91 -2.46
C4 MPD C . 11.40 7.80 -2.01
O4 MPD C . 12.60 7.04 -1.80
C5 MPD C . 11.73 8.85 -3.06
C1 MPD D . 9.83 -18.15 1.02
C2 MPD D . 8.99 -16.93 0.68
O2 MPD D . 9.39 -15.90 1.60
CM MPD D . 9.30 -16.42 -0.72
C3 MPD D . 7.50 -17.23 0.83
C4 MPD D . 7.14 -17.39 2.30
O4 MPD D . 6.14 -16.45 2.67
C5 MPD D . 6.59 -18.77 2.60
C1 MPD E . -16.11 4.80 -3.65
C2 MPD E . -16.11 3.74 -4.76
O2 MPD E . -15.30 2.66 -4.29
CM MPD E . -17.52 3.20 -4.93
C3 MPD E . -15.54 4.33 -6.04
C4 MPD E . -16.00 3.70 -7.32
O4 MPD E . -17.39 3.89 -7.60
C5 MPD E . -15.68 2.22 -7.46
#